data_1BAF
#
_entry.id   1BAF
#
_cell.length_a   73.230
_cell.length_b   73.230
_cell.length_c   373.800
_cell.angle_alpha   90.00
_cell.angle_beta   90.00
_cell.angle_gamma   120.00
#
_symmetry.space_group_name_H-M   'P 65 2 2'
#
loop_
_entity.id
_entity.type
_entity.pdbx_description
1 polymer 'IGG1-KAPPA AN02 FAB (LIGHT CHAIN)'
2 polymer 'IGG1-KAPPA AN02 FAB (HEAVY CHAIN)'
3 non-polymer "N-(2-AMINO-ETHYL)-4,6-DINITRO-N'-(2,2,6,6-TETRAMETHYL-1-OXY-PIPERIDIN-4-YL)-BENZENE-1,3-DIAMINE"
#
loop_
_entity_poly.entity_id
_entity_poly.type
_entity_poly.pdbx_seq_one_letter_code
_entity_poly.pdbx_strand_id
1 'polypeptide(L)'
;QIVLTQSPAIMSASPGEKVTMTCSASSSVYYMYWYQQKPGSSPRLLIYDTSNLASGVPVRFSGSGSGTSYSLTISRMEAE
DAATYYCQQWSSYPPITFGVGTKLELKRADAAPTVSIFPPSSEQLTSGGASVVCFLNNFYPKDINVKWKIDGSERQNGVL
NSWTDQDSKDSTYSMSSTLTLTKDEYERHNSYTCEATHKTSTSPIVKSFNRNEC
;
L
2 'polypeptide(L)'
;DVQLQESGPGLVKPSQSQSLTCTVTGYSITSDYAWNWIRQFPGNKLEWMGYMSYSGSTRYNPSLRSRISITRDTSKNQFF
LQLKSVTTEDTATYFCARGWPLAYWGQGTQVSVSEAKTTPPSVYPLAPGSAAQTNSMVTLGCLVKGYFPEPVTVTWNSGS
LSSGVHTFPAVLQSDLYTLSSSVTVPSSPRPSETVTCNVAHPASSTKVDKKIVPRDC
;
H
#
loop_
_chem_comp.id
_chem_comp.type
_chem_comp.name
_chem_comp.formula
NPP non-polymer N-(2-AMINO-ETHYL)-4,6-DINITRO-N'-(2,2,6,6-TETRAMETHYL-1-OXY-PIPERIDIN-4-YL)-BENZENE-1,3-DIAMINE 'C17 H27 N6 O5 -1'
#
# COMPACT_ATOMS: atom_id res chain seq x y z
N GLN A 1 -5.41 -20.04 18.02
CA GLN A 1 -6.38 -19.77 19.09
C GLN A 1 -6.53 -18.38 19.75
N ILE A 2 -5.67 -17.90 20.68
CA ILE A 2 -5.95 -16.63 21.41
C ILE A 2 -6.07 -15.26 20.71
N VAL A 3 -7.29 -14.73 20.78
CA VAL A 3 -7.64 -13.51 20.07
C VAL A 3 -7.31 -12.17 20.75
N LEU A 4 -6.69 -11.30 19.95
CA LEU A 4 -6.30 -9.95 20.31
C LEU A 4 -7.17 -8.87 19.65
N THR A 5 -8.05 -8.21 20.39
CA THR A 5 -8.88 -7.17 19.79
C THR A 5 -8.45 -5.76 20.17
N GLN A 6 -8.24 -4.87 19.18
CA GLN A 6 -7.77 -3.50 19.43
C GLN A 6 -8.74 -2.31 19.30
N SER A 7 -8.51 -1.27 20.10
CA SER A 7 -9.33 -0.05 20.16
C SER A 7 -8.54 1.24 20.39
N PRO A 8 -8.72 2.32 19.63
CA PRO A 8 -9.67 2.44 18.52
C PRO A 8 -9.18 1.80 17.23
N ALA A 9 -10.04 1.61 16.24
CA ALA A 9 -9.59 1.05 14.96
C ALA A 9 -9.00 2.09 13.98
N ILE A 10 -9.58 3.29 13.88
CA ILE A 10 -8.98 4.39 13.14
C ILE A 10 -9.02 5.64 14.03
N MET A 11 -7.92 6.30 14.19
CA MET A 11 -7.81 7.36 15.15
C MET A 11 -7.14 8.58 14.55
N SER A 12 -7.79 9.72 14.59
CA SER A 12 -7.15 10.92 14.11
C SER A 12 -6.74 11.86 15.24
N ALA A 13 -5.43 12.07 15.44
CA ALA A 13 -4.92 12.99 16.44
C ALA A 13 -4.13 14.16 15.83
N SER A 14 -3.93 15.27 16.53
CA SER A 14 -3.12 16.39 16.00
C SER A 14 -1.73 16.39 16.64
N PRO A 15 -0.64 16.90 16.04
CA PRO A 15 0.68 16.88 16.70
C PRO A 15 0.70 17.69 18.01
N GLY A 16 1.36 17.17 19.03
CA GLY A 16 1.34 17.80 20.33
C GLY A 16 0.34 17.14 21.26
N GLU A 17 -0.75 16.59 20.74
CA GLU A 17 -1.75 15.87 21.56
C GLU A 17 -1.37 14.50 22.17
N LYS A 18 -1.97 14.16 23.29
CA LYS A 18 -1.78 12.85 23.93
C LYS A 18 -2.50 11.68 23.21
N VAL A 19 -1.90 10.51 23.09
CA VAL A 19 -2.53 9.38 22.41
C VAL A 19 -2.54 8.12 23.26
N THR A 20 -3.67 7.44 23.38
CA THR A 20 -3.74 6.14 24.05
C THR A 20 -4.56 5.13 23.26
N MET A 21 -3.94 4.01 22.88
CA MET A 21 -4.64 2.94 22.19
C MET A 21 -4.56 1.68 23.04
N THR A 22 -5.55 0.79 22.91
CA THR A 22 -5.77 -0.37 23.77
C THR A 22 -5.71 -1.66 23.00
N CYS A 23 -5.26 -2.72 23.64
CA CYS A 23 -5.23 -4.05 23.08
C CYS A 23 -5.66 -5.07 24.11
N SER A 24 -6.80 -5.72 23.88
CA SER A 24 -7.35 -6.69 24.81
C SER A 24 -7.16 -8.11 24.39
N ALA A 25 -6.66 -8.91 25.30
CA ALA A 25 -6.55 -10.35 25.09
C ALA A 25 -7.82 -11.05 25.51
N SER A 26 -8.35 -11.98 24.71
CA SER A 26 -9.57 -12.75 25.05
C SER A 26 -9.42 -13.67 26.27
N SER A 27 -8.17 -14.05 26.52
CA SER A 27 -7.76 -14.86 27.65
C SER A 27 -6.46 -14.29 28.20
N SER A 28 -6.10 -14.53 29.46
CA SER A 28 -4.87 -13.93 30.01
C SER A 28 -3.58 -14.36 29.31
N VAL A 29 -2.70 -13.39 29.10
CA VAL A 29 -1.42 -13.57 28.38
C VAL A 29 -0.17 -13.32 29.25
N TYR A 30 1.01 -13.96 29.00
CA TYR A 30 2.19 -13.72 29.82
C TYR A 30 2.70 -12.30 29.67
N TYR A 31 2.94 -11.84 28.42
CA TYR A 31 3.36 -10.44 28.13
C TYR A 31 2.82 -9.89 26.81
N MET A 32 2.79 -8.57 26.67
CA MET A 32 2.46 -8.04 25.37
C MET A 32 3.53 -7.21 24.71
N TYR A 33 3.58 -7.28 23.39
CA TYR A 33 4.55 -6.58 22.58
C TYR A 33 3.83 -5.63 21.65
N TRP A 34 4.33 -4.42 21.41
CA TRP A 34 3.70 -3.48 20.46
C TRP A 34 4.58 -3.13 19.27
N TYR A 35 4.10 -3.21 18.04
CA TYR A 35 4.87 -2.85 16.84
C TYR A 35 4.36 -1.64 16.06
N GLN A 36 5.20 -0.88 15.36
CA GLN A 36 4.75 0.24 14.55
C GLN A 36 4.94 -0.07 13.07
N GLN A 37 3.99 0.16 12.15
CA GLN A 37 4.30 -0.05 10.72
C GLN A 37 3.86 1.05 9.75
N LYS A 38 4.78 1.56 8.95
CA LYS A 38 4.46 2.57 7.97
C LYS A 38 4.29 1.94 6.58
N PRO A 39 3.48 2.45 5.66
CA PRO A 39 3.28 1.87 4.34
C PRO A 39 4.55 1.60 3.55
N GLY A 40 4.85 0.32 3.43
CA GLY A 40 6.03 -0.09 2.69
C GLY A 40 7.15 -0.61 3.61
N SER A 41 7.30 -0.02 4.80
CA SER A 41 8.32 -0.48 5.72
C SER A 41 7.87 -1.75 6.46
N SER A 42 8.78 -2.49 7.07
CA SER A 42 8.43 -3.67 7.88
C SER A 42 8.07 -3.27 9.31
N PRO A 43 7.47 -4.11 10.14
CA PRO A 43 7.10 -3.77 11.52
C PRO A 43 8.27 -3.42 12.44
N ARG A 44 8.26 -2.29 13.15
CA ARG A 44 9.34 -1.88 14.09
C ARG A 44 8.98 -2.15 15.53
N LEU A 45 9.84 -2.74 16.35
CA LEU A 45 9.45 -2.96 17.76
C LEU A 45 9.45 -1.69 18.60
N LEU A 46 8.41 -1.52 19.38
CA LEU A 46 8.25 -0.34 20.25
C LEU A 46 8.35 -0.64 21.74
N ILE A 47 7.41 -1.48 22.22
CA ILE A 47 7.31 -1.88 23.62
C ILE A 47 7.43 -3.40 23.75
N TYR A 48 8.36 -3.96 24.51
CA TYR A 48 8.40 -5.40 24.74
C TYR A 48 8.11 -5.74 26.17
N ASP A 49 7.84 -7.02 26.48
CA ASP A 49 7.40 -7.46 27.80
C ASP A 49 6.49 -6.51 28.58
N THR A 50 5.39 -6.21 27.90
CA THR A 50 4.30 -5.37 28.35
C THR A 50 4.63 -3.89 28.42
N SER A 51 5.65 -3.54 29.19
CA SER A 51 5.95 -2.15 29.46
C SER A 51 7.39 -1.74 29.22
N ASN A 52 8.19 -2.58 28.61
CA ASN A 52 9.59 -2.22 28.39
C ASN A 52 9.78 -1.54 27.06
N LEU A 53 10.56 -0.46 26.97
CA LEU A 53 10.75 0.26 25.71
C LEU A 53 11.85 -0.39 24.88
N ALA A 54 11.76 -0.41 23.56
CA ALA A 54 12.84 -0.99 22.74
C ALA A 54 14.02 -0.06 22.50
N SER A 55 15.13 -0.49 21.90
CA SER A 55 16.28 0.42 21.81
C SER A 55 16.17 1.68 20.95
N GLY A 56 15.65 1.65 19.73
CA GLY A 56 15.58 2.90 18.99
C GLY A 56 14.33 3.72 19.28
N VAL A 57 13.73 3.58 20.46
CA VAL A 57 12.41 4.13 20.65
C VAL A 57 12.30 5.35 21.56
N PRO A 58 11.78 6.49 21.04
CA PRO A 58 11.63 7.71 21.83
C PRO A 58 10.79 7.53 23.11
N VAL A 59 11.24 8.09 24.19
CA VAL A 59 10.56 8.02 25.48
C VAL A 59 9.20 8.71 25.57
N ARG A 60 8.64 9.16 24.44
CA ARG A 60 7.27 9.64 24.37
C ARG A 60 6.30 8.49 24.32
N PHE A 61 6.82 7.30 24.03
CA PHE A 61 6.06 6.06 23.97
C PHE A 61 6.09 5.41 25.30
N SER A 62 5.03 4.64 25.57
CA SER A 62 4.92 3.91 26.84
C SER A 62 3.87 2.80 26.87
N GLY A 63 4.27 1.59 27.24
CA GLY A 63 3.35 0.47 27.33
C GLY A 63 2.83 0.16 28.73
N SER A 64 1.59 -0.31 28.81
CA SER A 64 0.96 -0.75 30.05
C SER A 64 0.30 -2.13 30.00
N GLY A 65 -0.14 -2.65 31.14
CA GLY A 65 -1.00 -3.82 31.11
C GLY A 65 -1.01 -4.90 32.18
N SER A 66 -2.18 -5.16 32.75
CA SER A 66 -2.33 -6.33 33.63
C SER A 66 -2.83 -7.48 32.75
N GLY A 67 -3.09 -8.71 33.21
CA GLY A 67 -3.54 -9.81 32.33
C GLY A 67 -4.72 -9.42 31.44
N THR A 68 -4.76 -9.80 30.16
CA THR A 68 -5.87 -9.49 29.25
C THR A 68 -6.15 -8.05 28.79
N SER A 69 -5.71 -7.01 29.50
CA SER A 69 -5.90 -5.66 29.00
C SER A 69 -4.68 -4.74 29.08
N TYR A 70 -4.15 -4.43 27.88
CA TYR A 70 -2.93 -3.66 27.65
C TYR A 70 -3.11 -2.36 26.85
N SER A 71 -2.11 -1.48 26.83
CA SER A 71 -2.21 -0.22 26.11
C SER A 71 -0.90 0.48 25.86
N LEU A 72 -0.80 1.05 24.67
CA LEU A 72 0.37 1.81 24.25
C LEU A 72 -0.02 3.27 24.25
N THR A 73 0.78 4.08 24.91
CA THR A 73 0.45 5.47 25.03
C THR A 73 1.54 6.30 24.44
N ILE A 74 1.16 7.21 23.53
CA ILE A 74 2.08 8.23 23.06
C ILE A 74 1.76 9.51 23.83
N SER A 75 2.62 9.97 24.73
CA SER A 75 2.38 11.20 25.52
C SER A 75 2.08 12.45 24.69
N ARG A 76 2.99 12.82 23.83
CA ARG A 76 2.73 13.86 22.84
C ARG A 76 3.03 13.30 21.46
N MET A 77 1.96 12.99 20.74
CA MET A 77 2.04 12.54 19.37
C MET A 77 2.86 13.45 18.47
N GLU A 78 3.89 12.92 17.85
CA GLU A 78 4.61 13.70 16.85
C GLU A 78 4.03 13.45 15.44
N ALA A 79 4.27 14.30 14.44
CA ALA A 79 3.80 13.98 13.11
C ALA A 79 4.43 12.73 12.52
N GLU A 80 5.66 12.39 12.93
CA GLU A 80 6.28 11.17 12.44
C GLU A 80 5.68 9.87 12.97
N ASP A 81 4.81 9.92 13.98
CA ASP A 81 4.19 8.75 14.59
C ASP A 81 2.89 8.32 13.93
N ALA A 82 2.50 9.04 12.88
CA ALA A 82 1.36 8.66 12.06
C ALA A 82 1.69 7.32 11.42
N ALA A 83 0.99 6.26 11.79
CA ALA A 83 1.33 4.90 11.38
C ALA A 83 0.29 3.90 11.86
N THR A 84 0.45 2.58 11.64
CA THR A 84 -0.47 1.58 12.22
C THR A 84 0.25 0.75 13.31
N TYR A 85 -0.39 0.61 14.48
CA TYR A 85 0.19 -0.03 15.64
C TYR A 85 -0.39 -1.39 15.94
N TYR A 86 0.40 -2.45 15.97
CA TYR A 86 -0.12 -3.79 16.25
C TYR A 86 0.17 -4.21 17.68
N CYS A 87 -0.71 -4.93 18.35
CA CYS A 87 -0.23 -5.58 19.57
C CYS A 87 0.01 -7.04 19.25
N GLN A 88 0.96 -7.71 19.90
CA GLN A 88 1.19 -9.15 19.71
C GLN A 88 1.41 -9.82 21.05
N GLN A 89 0.92 -11.03 21.26
CA GLN A 89 1.00 -11.63 22.60
C GLN A 89 1.90 -12.82 22.86
N TRP A 90 2.46 -12.97 24.04
CA TRP A 90 2.98 -14.27 24.35
C TRP A 90 2.32 -14.83 25.60
N SER A 91 1.67 -15.93 25.34
CA SER A 91 1.07 -16.81 26.34
C SER A 91 1.55 -18.27 26.20
N SER A 92 0.84 -19.30 26.67
CA SER A 92 1.30 -20.71 26.50
C SER A 92 1.03 -21.28 25.08
N TYR A 93 1.91 -20.99 24.08
CA TYR A 93 1.86 -21.33 22.62
C TYR A 93 0.53 -21.63 21.91
N PRO A 94 -0.24 -20.59 21.59
CA PRO A 94 -1.50 -20.81 20.89
C PRO A 94 -1.60 -20.71 19.35
N PRO A 95 -0.63 -20.30 18.49
CA PRO A 95 0.73 -19.82 18.74
C PRO A 95 0.82 -18.32 19.13
N ILE A 96 1.93 -17.58 18.87
CA ILE A 96 1.85 -16.14 19.07
C ILE A 96 0.90 -15.53 18.06
N THR A 97 0.03 -14.66 18.55
CA THR A 97 -0.86 -13.95 17.66
C THR A 97 -0.70 -12.42 17.68
N PHE A 98 -1.18 -11.77 16.62
CA PHE A 98 -1.19 -10.33 16.46
C PHE A 98 -2.59 -9.74 16.33
N GLY A 99 -2.81 -8.55 16.88
CA GLY A 99 -4.03 -7.82 16.63
C GLY A 99 -4.07 -7.41 15.17
N VAL A 100 -5.05 -6.63 14.80
CA VAL A 100 -5.11 -6.19 13.41
C VAL A 100 -4.75 -4.73 13.26
N GLY A 101 -4.12 -4.16 14.28
CA GLY A 101 -3.69 -2.76 14.23
C GLY A 101 -4.71 -1.66 14.51
N THR A 102 -4.21 -0.60 15.16
CA THR A 102 -4.96 0.65 15.28
C THR A 102 -4.24 1.68 14.40
N LYS A 103 -5.02 2.36 13.55
CA LYS A 103 -4.48 3.30 12.58
C LYS A 103 -4.47 4.73 13.10
N LEU A 104 -3.29 5.31 13.16
CA LEU A 104 -3.15 6.66 13.62
C LEU A 104 -2.89 7.60 12.46
N GLU A 105 -3.85 8.51 12.29
CA GLU A 105 -3.80 9.54 11.29
C GLU A 105 -3.71 10.96 11.89
N LEU A 106 -3.27 11.89 11.05
CA LEU A 106 -3.04 13.26 11.46
C LEU A 106 -4.19 14.17 11.12
N LYS A 107 -4.51 15.06 12.05
CA LYS A 107 -5.60 15.98 11.85
C LYS A 107 -5.21 17.30 11.19
N ARG A 108 -6.10 17.85 10.41
CA ARG A 108 -5.83 19.11 9.74
C ARG A 108 -7.08 19.79 9.21
N ALA A 109 -6.91 20.98 8.68
CA ALA A 109 -8.03 21.76 8.13
C ALA A 109 -8.69 21.12 6.93
N ASP A 110 -10.00 21.14 6.91
CA ASP A 110 -10.75 20.71 5.76
C ASP A 110 -10.17 21.29 4.45
N ALA A 111 -9.87 20.46 3.48
CA ALA A 111 -9.45 20.99 2.20
C ALA A 111 -10.41 20.54 1.11
N ALA A 112 -10.55 21.39 0.09
CA ALA A 112 -11.49 21.10 -0.98
C ALA A 112 -10.78 20.37 -2.14
N PRO A 113 -11.35 19.27 -2.66
CA PRO A 113 -10.76 18.48 -3.72
C PRO A 113 -10.53 19.16 -5.05
N THR A 114 -9.31 19.23 -5.56
CA THR A 114 -9.11 19.72 -6.92
C THR A 114 -9.45 18.67 -7.96
N VAL A 115 -10.61 18.79 -8.56
CA VAL A 115 -11.11 17.86 -9.58
C VAL A 115 -10.54 18.08 -11.00
N SER A 116 -10.12 17.01 -11.66
CA SER A 116 -9.64 17.07 -13.06
C SER A 116 -10.17 15.93 -13.90
N ILE A 117 -10.47 16.15 -15.18
CA ILE A 117 -10.86 15.04 -16.03
C ILE A 117 -10.13 15.00 -17.39
N PHE A 118 -9.75 13.79 -17.71
CA PHE A 118 -8.99 13.46 -18.89
C PHE A 118 -9.65 12.44 -19.82
N PRO A 119 -9.73 12.74 -21.11
CA PRO A 119 -10.24 11.89 -22.16
C PRO A 119 -9.19 10.85 -22.47
N PRO A 120 -9.51 9.72 -23.10
CA PRO A 120 -8.52 8.71 -23.46
C PRO A 120 -7.52 9.17 -24.55
N SER A 121 -6.25 8.80 -24.41
CA SER A 121 -5.23 9.15 -25.41
C SER A 121 -5.46 8.49 -26.75
N SER A 122 -5.03 9.10 -27.86
CA SER A 122 -5.19 8.48 -29.18
C SER A 122 -4.57 7.08 -29.20
N GLU A 123 -3.42 6.96 -28.54
CA GLU A 123 -2.70 5.72 -28.30
C GLU A 123 -3.58 4.67 -27.63
N GLN A 124 -4.32 5.05 -26.57
CA GLN A 124 -5.22 4.13 -25.89
C GLN A 124 -6.35 3.66 -26.80
N LEU A 125 -7.05 4.59 -27.42
CA LEU A 125 -8.11 4.23 -28.37
C LEU A 125 -7.72 3.18 -29.44
N THR A 126 -6.45 3.16 -29.87
CA THR A 126 -5.98 2.24 -30.91
C THR A 126 -6.01 0.76 -30.54
N SER A 127 -5.96 0.51 -29.25
CA SER A 127 -6.10 -0.85 -28.70
C SER A 127 -7.55 -1.27 -28.57
N GLY A 128 -8.52 -0.41 -28.88
CA GLY A 128 -9.93 -0.76 -28.74
C GLY A 128 -10.51 -0.46 -27.36
N GLY A 129 -9.72 0.10 -26.45
CA GLY A 129 -10.24 0.51 -25.17
C GLY A 129 -10.22 2.03 -25.06
N ALA A 130 -10.99 2.55 -24.13
CA ALA A 130 -11.02 3.96 -23.87
C ALA A 130 -11.29 4.20 -22.42
N SER A 131 -10.29 4.63 -21.66
CA SER A 131 -10.55 4.93 -20.24
C SER A 131 -10.78 6.42 -20.03
N VAL A 132 -11.61 6.81 -19.08
CA VAL A 132 -11.76 8.23 -18.80
C VAL A 132 -11.34 8.38 -17.35
N VAL A 133 -10.28 9.15 -17.13
CA VAL A 133 -9.75 9.37 -15.78
C VAL A 133 -10.12 10.69 -15.06
N CYS A 134 -10.44 10.62 -13.78
CA CYS A 134 -10.83 11.79 -12.99
C CYS A 134 -10.05 11.88 -11.70
N PHE A 135 -9.07 12.76 -11.60
CA PHE A 135 -8.26 12.87 -10.38
C PHE A 135 -8.85 13.84 -9.38
N LEU A 136 -9.47 13.33 -8.30
CA LEU A 136 -9.95 14.19 -7.23
C LEU A 136 -8.84 14.40 -6.21
N ASN A 137 -8.00 15.44 -6.39
CA ASN A 137 -6.83 15.62 -5.56
C ASN A 137 -6.85 16.59 -4.37
N ASN A 138 -5.98 16.28 -3.42
CA ASN A 138 -5.68 17.02 -2.19
C ASN A 138 -6.85 17.48 -1.29
N PHE A 139 -7.67 16.55 -0.80
CA PHE A 139 -8.76 16.91 0.12
C PHE A 139 -8.76 16.38 1.58
N TYR A 140 -9.41 17.09 2.49
CA TYR A 140 -9.56 16.66 3.87
C TYR A 140 -10.93 17.12 4.34
N PRO A 141 -11.79 16.35 5.02
CA PRO A 141 -11.63 14.93 5.41
C PRO A 141 -11.68 13.94 4.25
N LYS A 142 -11.48 12.65 4.45
CA LYS A 142 -11.42 11.71 3.31
C LYS A 142 -12.74 11.35 2.64
N ASP A 143 -13.83 11.71 3.32
CA ASP A 143 -15.17 11.50 2.83
C ASP A 143 -15.53 12.24 1.55
N ILE A 144 -15.57 11.48 0.46
CA ILE A 144 -16.04 12.01 -0.82
C ILE A 144 -16.96 11.05 -1.60
N ASN A 145 -17.78 11.62 -2.47
CA ASN A 145 -18.52 10.86 -3.46
C ASN A 145 -18.18 11.33 -4.85
N VAL A 146 -18.08 10.41 -5.80
CA VAL A 146 -17.84 10.79 -7.18
C VAL A 146 -18.99 10.25 -8.03
N LYS A 147 -19.71 11.05 -8.80
CA LYS A 147 -20.78 10.55 -9.63
C LYS A 147 -20.32 10.57 -11.09
N TRP A 148 -20.56 9.55 -11.88
CA TRP A 148 -20.17 9.64 -13.28
C TRP A 148 -21.39 9.73 -14.18
N LYS A 149 -21.36 10.65 -15.13
CA LYS A 149 -22.47 10.76 -16.07
C LYS A 149 -22.04 10.60 -17.53
N ILE A 150 -22.29 9.50 -18.26
CA ILE A 150 -21.93 9.48 -19.68
C ILE A 150 -23.16 9.89 -20.48
N ASP A 151 -23.13 11.11 -21.02
CA ASP A 151 -24.21 11.75 -21.78
C ASP A 151 -25.49 12.06 -21.02
N GLY A 152 -25.33 12.54 -19.81
CA GLY A 152 -26.48 12.94 -19.00
C GLY A 152 -26.93 11.92 -17.98
N SER A 153 -27.04 10.63 -18.32
CA SER A 153 -27.44 9.60 -17.34
C SER A 153 -26.35 9.12 -16.36
N GLU A 154 -26.77 8.69 -15.18
CA GLU A 154 -25.82 8.32 -14.11
C GLU A 154 -25.23 6.91 -14.22
N ARG A 155 -23.95 6.72 -14.54
CA ARG A 155 -23.49 5.34 -14.61
C ARG A 155 -22.79 4.79 -13.35
N GLN A 156 -22.96 3.47 -13.15
CA GLN A 156 -22.29 2.76 -12.05
C GLN A 156 -21.42 1.57 -12.51
N ASN A 157 -21.61 1.00 -13.70
CA ASN A 157 -20.72 -0.10 -14.12
C ASN A 157 -19.40 0.46 -14.69
N GLY A 158 -18.28 -0.25 -14.73
CA GLY A 158 -17.10 0.30 -15.39
C GLY A 158 -16.30 1.34 -14.60
N VAL A 159 -16.78 1.75 -13.42
CA VAL A 159 -16.01 2.67 -12.57
C VAL A 159 -15.10 1.97 -11.54
N LEU A 160 -13.84 2.45 -11.49
CA LEU A 160 -12.78 1.99 -10.60
C LEU A 160 -12.09 3.13 -9.84
N ASN A 161 -12.33 3.17 -8.55
CA ASN A 161 -11.71 4.20 -7.75
C ASN A 161 -10.55 3.69 -6.91
N SER A 162 -9.43 4.41 -6.91
CA SER A 162 -8.37 4.11 -5.97
C SER A 162 -8.03 5.32 -5.10
N TRP A 163 -7.77 5.12 -3.82
CA TRP A 163 -7.48 6.21 -2.91
C TRP A 163 -6.05 6.18 -2.42
N THR A 164 -5.42 7.32 -2.23
CA THR A 164 -4.10 7.31 -1.63
C THR A 164 -4.23 7.45 -0.12
N ASP A 165 -3.34 6.92 0.71
CA ASP A 165 -3.44 7.23 2.13
C ASP A 165 -2.94 8.65 2.43
N GLN A 166 -3.18 9.18 3.63
CA GLN A 166 -2.88 10.55 3.99
C GLN A 166 -1.51 11.11 3.55
N ASP A 167 -1.46 12.21 2.80
CA ASP A 167 -0.19 12.70 2.28
C ASP A 167 0.92 13.00 3.27
N SER A 168 2.09 12.62 2.80
CA SER A 168 3.35 12.76 3.53
C SER A 168 3.57 14.15 4.09
N LYS A 169 3.36 15.15 3.26
CA LYS A 169 3.62 16.48 3.71
C LYS A 169 2.40 17.31 4.01
N ASP A 170 1.37 17.48 3.17
CA ASP A 170 0.25 18.34 3.59
C ASP A 170 -0.88 17.70 4.41
N SER A 171 -0.84 16.36 4.56
CA SER A 171 -1.82 15.52 5.28
C SER A 171 -3.17 15.33 4.56
N THR A 172 -3.24 15.48 3.24
CA THR A 172 -4.51 15.36 2.56
C THR A 172 -4.71 14.04 1.81
N TYR A 173 -5.94 13.68 1.42
CA TYR A 173 -6.19 12.46 0.64
C TYR A 173 -6.46 12.78 -0.84
N SER A 174 -6.17 11.86 -1.73
CA SER A 174 -6.46 12.05 -3.16
C SER A 174 -6.99 10.76 -3.76
N MET A 175 -7.79 10.80 -4.81
CA MET A 175 -8.37 9.57 -5.30
C MET A 175 -8.58 9.56 -6.80
N SER A 176 -8.17 8.51 -7.50
CA SER A 176 -8.41 8.51 -8.94
C SER A 176 -9.61 7.72 -9.31
N SER A 177 -10.59 8.33 -9.95
CA SER A 177 -11.70 7.54 -10.48
C SER A 177 -11.60 7.29 -11.98
N THR A 178 -11.49 6.06 -12.41
CA THR A 178 -11.38 5.73 -13.82
C THR A 178 -12.58 5.01 -14.35
N LEU A 179 -13.24 5.55 -15.36
CA LEU A 179 -14.28 4.80 -16.06
C LEU A 179 -13.70 4.11 -17.29
N THR A 180 -13.83 2.81 -17.38
CA THR A 180 -13.30 2.09 -18.55
C THR A 180 -14.41 1.74 -19.52
N LEU A 181 -14.16 1.91 -20.80
CA LEU A 181 -15.10 1.62 -21.87
C LEU A 181 -14.39 0.99 -23.09
N THR A 182 -15.14 0.48 -24.06
CA THR A 182 -14.53 -0.01 -25.29
C THR A 182 -14.74 1.00 -26.41
N LYS A 183 -13.83 1.14 -27.40
CA LYS A 183 -13.83 2.23 -28.38
C LYS A 183 -15.18 2.60 -28.93
N ASP A 184 -15.92 1.57 -29.31
CA ASP A 184 -17.26 1.72 -29.88
C ASP A 184 -18.28 2.24 -28.90
N GLU A 185 -18.18 1.84 -27.63
CA GLU A 185 -19.11 2.33 -26.62
C GLU A 185 -18.82 3.81 -26.38
N TYR A 186 -17.54 4.10 -26.25
CA TYR A 186 -17.06 5.44 -26.06
C TYR A 186 -17.51 6.37 -27.19
N GLU A 187 -17.38 5.93 -28.44
CA GLU A 187 -17.79 6.75 -29.57
C GLU A 187 -19.31 6.84 -29.83
N ARG A 188 -20.16 6.16 -29.06
CA ARG A 188 -21.58 6.45 -29.17
C ARG A 188 -22.09 7.36 -28.06
N HIS A 189 -21.19 8.06 -27.36
CA HIS A 189 -21.54 9.09 -26.38
C HIS A 189 -20.74 10.38 -26.54
N ASN A 190 -21.23 11.55 -26.10
CA ASN A 190 -20.45 12.80 -26.26
C ASN A 190 -20.13 13.56 -24.97
N SER A 191 -21.00 13.62 -23.96
CA SER A 191 -20.60 14.20 -22.67
C SER A 191 -20.01 13.21 -21.65
N TYR A 192 -18.75 13.35 -21.25
CA TYR A 192 -18.24 12.57 -20.14
C TYR A 192 -18.06 13.51 -18.99
N THR A 193 -18.88 13.43 -17.94
CA THR A 193 -18.74 14.34 -16.81
C THR A 193 -18.44 13.63 -15.47
N CYS A 194 -17.48 14.19 -14.77
CA CYS A 194 -17.03 13.70 -13.46
C CYS A 194 -17.42 14.65 -12.36
N GLU A 195 -18.23 14.13 -11.46
CA GLU A 195 -18.90 14.99 -10.51
C GLU A 195 -18.57 14.68 -9.06
N ALA A 196 -17.80 15.52 -8.41
CA ALA A 196 -17.40 15.20 -7.04
C ALA A 196 -18.15 15.91 -5.95
N THR A 197 -18.57 15.23 -4.87
CA THR A 197 -19.14 15.95 -3.73
C THR A 197 -18.42 15.65 -2.43
N HIS A 198 -18.00 16.73 -1.74
CA HIS A 198 -17.20 16.68 -0.52
C HIS A 198 -17.74 17.60 0.57
N LYS A 199 -17.50 17.32 1.85
CA LYS A 199 -17.96 18.17 2.95
C LYS A 199 -17.77 19.68 2.79
N THR A 200 -16.70 20.15 2.16
CA THR A 200 -16.40 21.59 2.11
C THR A 200 -17.24 22.44 1.15
N SER A 201 -18.40 21.96 0.73
CA SER A 201 -19.31 22.63 -0.22
C SER A 201 -20.48 21.74 -0.58
N THR A 202 -21.70 22.16 -0.28
CA THR A 202 -22.88 21.34 -0.58
C THR A 202 -23.12 21.12 -2.07
N SER A 203 -22.88 22.15 -2.88
CA SER A 203 -22.85 22.02 -4.34
C SER A 203 -21.59 21.27 -4.85
N PRO A 204 -21.75 20.25 -5.67
CA PRO A 204 -20.66 19.48 -6.20
C PRO A 204 -19.73 20.16 -7.19
N ILE A 205 -18.49 19.71 -7.22
CA ILE A 205 -17.54 20.16 -8.25
C ILE A 205 -17.65 19.26 -9.50
N VAL A 206 -18.39 19.73 -10.51
CA VAL A 206 -18.52 18.93 -11.74
C VAL A 206 -17.55 19.33 -12.90
N LYS A 207 -16.62 18.44 -13.20
CA LYS A 207 -15.69 18.66 -14.33
C LYS A 207 -16.12 17.81 -15.52
N SER A 208 -16.35 18.47 -16.62
CA SER A 208 -16.94 17.81 -17.77
C SER A 208 -16.20 17.92 -19.07
N PHE A 209 -15.82 16.81 -19.67
CA PHE A 209 -15.26 16.90 -21.00
C PHE A 209 -16.32 16.44 -22.01
N ASN A 210 -16.33 17.08 -23.18
CA ASN A 210 -17.28 16.73 -24.24
C ASN A 210 -16.60 16.27 -25.54
N ARG A 211 -16.79 15.04 -26.02
CA ARG A 211 -16.03 14.49 -27.14
C ARG A 211 -15.88 15.28 -28.47
N ASN A 212 -16.51 16.46 -28.65
CA ASN A 212 -16.14 17.40 -29.72
C ASN A 212 -15.11 18.47 -29.22
N GLU A 213 -13.83 18.11 -29.17
CA GLU A 213 -12.80 18.98 -28.62
C GLU A 213 -11.58 19.28 -29.53
N CYS A 214 -10.32 19.19 -29.05
CA CYS A 214 -9.10 19.68 -29.71
C CYS A 214 -7.89 19.61 -28.78
N ASP B 1 25.58 -4.64 13.77
CA ASP B 1 24.12 -4.66 13.65
C ASP B 1 23.74 -6.02 13.05
N VAL B 2 22.63 -6.61 13.50
CA VAL B 2 22.20 -7.84 12.86
C VAL B 2 21.39 -7.50 11.60
N GLN B 3 21.45 -8.32 10.56
CA GLN B 3 20.80 -7.97 9.31
C GLN B 3 20.04 -9.14 8.68
N LEU B 4 18.75 -9.00 8.48
CA LEU B 4 17.95 -10.07 7.90
C LEU B 4 17.37 -9.78 6.49
N GLN B 5 17.74 -10.60 5.50
CA GLN B 5 17.28 -10.39 4.16
C GLN B 5 16.60 -11.57 3.52
N GLU B 6 15.30 -11.48 3.36
CA GLU B 6 14.62 -12.55 2.70
C GLU B 6 14.66 -12.32 1.21
N SER B 7 14.29 -13.36 0.48
CA SER B 7 14.21 -13.36 -0.97
C SER B 7 13.59 -14.64 -1.50
N GLY B 8 13.61 -14.90 -2.81
CA GLY B 8 13.01 -16.12 -3.40
C GLY B 8 12.12 -15.85 -4.62
N PRO B 9 11.36 -16.77 -5.21
CA PRO B 9 10.50 -16.53 -6.38
C PRO B 9 9.31 -15.59 -6.13
N GLY B 10 9.12 -14.64 -7.01
CA GLY B 10 8.04 -13.67 -6.81
C GLY B 10 6.67 -14.09 -7.36
N LEU B 11 6.64 -14.98 -8.34
CA LEU B 11 5.35 -15.36 -8.87
C LEU B 11 5.23 -16.88 -8.77
N VAL B 12 4.12 -17.44 -8.31
CA VAL B 12 4.03 -18.89 -8.18
C VAL B 12 2.70 -19.44 -8.63
N LYS B 13 2.73 -20.57 -9.30
CA LYS B 13 1.48 -21.09 -9.79
C LYS B 13 0.80 -21.94 -8.78
N PRO B 14 -0.52 -21.80 -8.65
CA PRO B 14 -1.32 -22.62 -7.74
C PRO B 14 -0.96 -24.10 -7.81
N SER B 15 -0.90 -24.72 -6.65
CA SER B 15 -0.56 -26.15 -6.44
C SER B 15 0.90 -26.47 -6.57
N GLN B 16 1.71 -25.52 -7.03
CA GLN B 16 3.14 -25.69 -6.98
C GLN B 16 3.68 -25.44 -5.56
N SER B 17 5.00 -25.50 -5.32
CA SER B 17 5.55 -25.18 -4.00
C SER B 17 6.59 -24.07 -3.94
N GLN B 18 6.36 -23.03 -3.17
CA GLN B 18 7.26 -21.88 -3.13
C GLN B 18 8.43 -22.09 -2.17
N SER B 19 9.65 -21.61 -2.46
CA SER B 19 10.66 -21.61 -1.40
C SER B 19 11.35 -20.28 -1.19
N LEU B 20 11.20 -19.67 -0.02
CA LEU B 20 11.90 -18.44 0.30
C LEU B 20 13.18 -18.70 1.08
N THR B 21 14.16 -17.84 0.89
CA THR B 21 15.44 -17.89 1.62
C THR B 21 15.68 -16.65 2.43
N CYS B 22 15.92 -16.81 3.70
CA CYS B 22 16.32 -15.67 4.52
C CYS B 22 17.80 -15.72 4.76
N THR B 23 18.54 -14.72 4.38
CA THR B 23 19.98 -14.76 4.65
C THR B 23 20.36 -13.76 5.73
N VAL B 24 21.00 -14.20 6.84
CA VAL B 24 21.37 -13.22 7.86
C VAL B 24 22.87 -12.89 7.98
N THR B 25 23.04 -11.58 8.17
CA THR B 25 24.31 -10.85 8.27
C THR B 25 24.62 -10.37 9.69
N GLY B 26 25.86 -10.38 10.15
CA GLY B 26 26.16 -9.79 11.46
C GLY B 26 25.86 -10.56 12.75
N TYR B 27 25.44 -11.82 12.67
CA TYR B 27 25.19 -12.66 13.85
C TYR B 27 24.99 -14.08 13.39
N SER B 28 25.53 -15.05 14.09
CA SER B 28 25.38 -16.41 13.60
C SER B 28 24.09 -17.11 14.04
N ILE B 29 23.41 -17.78 13.14
CA ILE B 29 22.15 -18.47 13.44
C ILE B 29 22.26 -19.76 14.29
N THR B 30 23.34 -19.88 15.04
CA THR B 30 23.62 -21.06 15.87
C THR B 30 23.90 -20.73 17.33
N SER B 31 24.16 -19.47 17.58
CA SER B 31 24.50 -18.98 18.88
C SER B 31 23.34 -18.16 19.41
N ASP B 32 22.52 -18.71 20.29
CA ASP B 32 21.29 -18.06 20.76
C ASP B 32 20.22 -17.66 19.72
N TYR B 33 19.07 -17.23 20.20
CA TYR B 33 17.88 -16.85 19.43
C TYR B 33 17.09 -17.92 18.64
N ALA B 34 15.78 -17.63 18.47
CA ALA B 34 14.86 -18.40 17.62
C ALA B 34 14.62 -17.69 16.29
N TRP B 35 14.77 -18.32 15.16
CA TRP B 35 14.70 -17.63 13.87
C TRP B 35 13.37 -17.79 13.15
N ASN B 36 12.57 -16.72 13.20
CA ASN B 36 11.20 -16.82 12.70
C ASN B 36 10.91 -16.42 11.25
N TRP B 37 9.83 -16.98 10.74
CA TRP B 37 9.22 -16.63 9.47
C TRP B 37 7.78 -16.15 9.72
N ILE B 38 7.45 -14.90 9.42
CA ILE B 38 6.11 -14.35 9.69
C ILE B 38 5.52 -13.77 8.40
N ARG B 39 4.23 -13.91 8.05
CA ARG B 39 3.73 -13.32 6.81
C ARG B 39 2.58 -12.33 6.91
N GLN B 40 2.59 -11.31 6.07
CA GLN B 40 1.58 -10.28 6.16
C GLN B 40 0.66 -10.21 4.96
N PHE B 41 -0.58 -10.59 5.23
CA PHE B 41 -1.64 -10.63 4.22
C PHE B 41 -2.06 -9.24 3.75
N PRO B 42 -2.68 -9.09 2.57
CA PRO B 42 -3.14 -7.79 2.10
C PRO B 42 -4.08 -7.20 3.16
N GLY B 43 -4.14 -5.90 3.29
CA GLY B 43 -4.88 -5.32 4.40
C GLY B 43 -3.93 -5.10 5.59
N ASN B 44 -3.56 -6.15 6.29
CA ASN B 44 -2.71 -5.97 7.48
C ASN B 44 -2.32 -7.20 8.24
N LYS B 45 -3.10 -8.27 8.13
CA LYS B 45 -2.92 -9.38 9.02
C LYS B 45 -1.57 -10.07 8.99
N LEU B 46 -0.85 -9.95 10.10
CA LEU B 46 0.39 -10.68 10.27
C LEU B 46 0.11 -12.14 10.70
N GLU B 47 0.86 -13.12 10.25
CA GLU B 47 0.63 -14.48 10.69
C GLU B 47 1.94 -15.13 11.08
N TRP B 48 2.13 -15.67 12.30
CA TRP B 48 3.38 -16.36 12.59
C TRP B 48 3.38 -17.73 11.90
N MET B 49 4.44 -18.11 11.20
CA MET B 49 4.42 -19.40 10.54
C MET B 49 5.26 -20.50 11.23
N GLY B 50 6.36 -20.12 11.84
CA GLY B 50 7.21 -21.09 12.49
C GLY B 50 8.57 -20.51 12.75
N TYR B 51 9.42 -21.25 13.45
CA TYR B 51 10.77 -20.78 13.72
C TYR B 51 11.81 -21.88 13.76
N MET B 52 13.06 -21.54 13.49
CA MET B 52 14.15 -22.47 13.72
C MET B 52 14.96 -22.06 14.95
N SER B 53 14.96 -22.81 16.04
CA SER B 53 15.86 -22.49 17.16
C SER B 53 17.35 -22.56 16.75
N TYR B 54 18.24 -21.79 17.32
CA TYR B 54 19.66 -21.88 17.02
C TYR B 54 20.30 -23.29 17.04
N SER B 55 19.74 -24.21 17.83
CA SER B 55 20.18 -25.59 17.92
C SER B 55 19.73 -26.52 16.80
N GLY B 56 18.71 -26.15 16.03
CA GLY B 56 18.22 -27.02 14.97
C GLY B 56 16.72 -27.29 15.01
N SER B 57 16.15 -27.24 16.20
CA SER B 57 14.75 -27.60 16.29
C SER B 57 13.77 -26.61 15.69
N THR B 58 12.73 -27.13 15.09
CA THR B 58 11.70 -26.26 14.56
C THR B 58 10.40 -26.34 15.31
N ARG B 59 9.73 -25.21 15.34
CA ARG B 59 8.39 -25.14 15.86
C ARG B 59 7.52 -24.49 14.79
N TYR B 60 6.29 -24.95 14.48
CA TYR B 60 5.45 -24.33 13.44
C TYR B 60 4.04 -23.96 13.89
N ASN B 61 3.41 -22.99 13.25
CA ASN B 61 2.02 -22.68 13.52
C ASN B 61 1.15 -23.92 13.24
N PRO B 62 0.37 -24.40 14.21
CA PRO B 62 -0.50 -25.56 14.14
C PRO B 62 -1.43 -25.70 12.94
N SER B 63 -1.81 -24.62 12.27
CA SER B 63 -2.59 -24.69 11.03
C SER B 63 -1.75 -25.01 9.78
N LEU B 64 -0.55 -24.46 9.71
CA LEU B 64 0.35 -24.66 8.59
C LEU B 64 1.37 -25.80 8.78
N ARG B 65 1.39 -26.47 9.94
CA ARG B 65 2.36 -27.50 10.29
C ARG B 65 2.43 -28.71 9.33
N SER B 66 1.41 -28.99 8.50
CA SER B 66 1.49 -30.05 7.45
C SER B 66 2.16 -29.60 6.15
N ARG B 67 1.75 -28.36 5.76
CA ARG B 67 2.15 -27.62 4.56
C ARG B 67 3.49 -26.92 4.56
N ILE B 68 3.94 -26.29 5.64
CA ILE B 68 5.23 -25.61 5.54
C ILE B 68 6.42 -26.39 6.15
N SER B 69 7.64 -26.01 5.78
CA SER B 69 8.83 -26.62 6.35
C SER B 69 10.00 -25.66 6.43
N ILE B 70 10.58 -25.47 7.62
CA ILE B 70 11.71 -24.56 7.83
C ILE B 70 12.98 -25.38 8.02
N THR B 71 14.06 -24.94 7.41
CA THR B 71 15.33 -25.66 7.36
C THR B 71 16.53 -24.75 7.40
N ARG B 72 17.75 -25.24 7.46
CA ARG B 72 18.87 -24.31 7.48
C ARG B 72 20.19 -24.81 6.85
N ASP B 73 21.05 -23.83 6.52
CA ASP B 73 22.40 -24.05 6.06
C ASP B 73 23.38 -23.19 6.87
N THR B 74 23.95 -23.78 7.91
CA THR B 74 24.86 -23.04 8.76
C THR B 74 26.14 -22.61 8.08
N SER B 75 26.57 -23.28 6.99
CA SER B 75 27.76 -22.81 6.29
C SER B 75 27.50 -21.54 5.50
N LYS B 76 26.26 -21.37 5.08
CA LYS B 76 25.91 -20.15 4.37
C LYS B 76 25.12 -19.16 5.21
N ASN B 77 24.96 -19.43 6.52
CA ASN B 77 24.16 -18.66 7.51
C ASN B 77 22.76 -18.32 7.00
N GLN B 78 22.12 -19.37 6.54
CA GLN B 78 20.82 -19.22 5.96
C GLN B 78 19.72 -20.12 6.52
N PHE B 79 18.52 -19.60 6.66
CA PHE B 79 17.42 -20.49 7.00
C PHE B 79 16.30 -20.30 5.97
N PHE B 80 15.51 -21.32 5.69
CA PHE B 80 14.57 -21.25 4.59
C PHE B 80 13.12 -21.53 4.93
N LEU B 81 12.18 -20.93 4.21
CA LEU B 81 10.79 -21.33 4.34
C LEU B 81 10.36 -22.00 3.03
N GLN B 82 9.84 -23.20 3.16
CA GLN B 82 9.30 -23.85 1.99
C GLN B 82 7.79 -24.05 2.17
N LEU B 83 7.05 -23.48 1.25
CA LEU B 83 5.60 -23.62 1.15
C LEU B 83 5.18 -24.65 0.12
N LYS B 84 4.64 -25.78 0.57
CA LYS B 84 4.15 -26.85 -0.31
C LYS B 84 2.79 -26.52 -0.93
N SER B 85 2.39 -27.15 -2.04
CA SER B 85 1.08 -26.96 -2.69
C SER B 85 0.31 -25.62 -2.54
N VAL B 86 0.93 -24.48 -2.89
CA VAL B 86 0.32 -23.18 -2.61
C VAL B 86 -1.07 -22.87 -3.21
N THR B 87 -1.95 -22.42 -2.33
CA THR B 87 -3.29 -21.94 -2.67
C THR B 87 -3.28 -20.43 -3.00
N THR B 88 -4.32 -19.87 -3.62
CA THR B 88 -4.40 -18.40 -3.79
C THR B 88 -4.17 -17.62 -2.48
N GLU B 89 -4.78 -18.10 -1.40
CA GLU B 89 -4.68 -17.51 -0.07
C GLU B 89 -3.27 -17.36 0.54
N ASP B 90 -2.19 -17.83 -0.11
CA ASP B 90 -0.82 -17.63 0.39
C ASP B 90 -0.15 -16.41 -0.19
N THR B 91 -0.91 -15.71 -1.03
CA THR B 91 -0.44 -14.45 -1.55
C THR B 91 -0.34 -13.45 -0.42
N ALA B 92 0.86 -13.01 -0.17
CA ALA B 92 1.17 -12.11 0.93
C ALA B 92 2.64 -11.67 0.84
N THR B 93 3.15 -11.01 1.88
CA THR B 93 4.57 -10.71 1.86
C THR B 93 5.27 -11.33 3.08
N TYR B 94 6.31 -12.09 2.79
CA TYR B 94 6.99 -12.88 3.81
C TYR B 94 8.23 -12.24 4.44
N PHE B 95 8.18 -12.04 5.75
CA PHE B 95 9.27 -11.50 6.52
C PHE B 95 9.96 -12.53 7.41
N CYS B 96 11.28 -12.64 7.40
CA CYS B 96 11.96 -13.42 8.41
C CYS B 96 12.36 -12.49 9.53
N ALA B 97 12.52 -12.96 10.75
CA ALA B 97 12.83 -12.03 11.84
C ALA B 97 13.48 -12.65 13.05
N ARG B 98 14.33 -11.90 13.72
CA ARG B 98 15.06 -12.37 14.87
C ARG B 98 14.18 -12.50 16.08
N GLY B 99 14.27 -13.70 16.65
CA GLY B 99 13.36 -14.05 17.72
C GLY B 99 13.66 -13.84 19.19
N TRP B 100 12.58 -13.32 19.78
CA TRP B 100 12.29 -13.15 21.19
C TRP B 100 13.15 -12.15 21.95
N PRO B 101 12.67 -10.88 22.00
CA PRO B 101 11.43 -10.38 21.40
C PRO B 101 11.63 -10.10 19.91
N LEU B 102 10.59 -9.91 19.09
CA LEU B 102 10.84 -9.75 17.65
C LEU B 102 11.35 -8.37 17.21
N ALA B 103 12.60 -8.08 17.56
CA ALA B 103 13.27 -6.92 17.00
C ALA B 103 14.01 -7.46 15.80
N TYR B 104 14.58 -6.67 14.91
CA TYR B 104 15.22 -7.20 13.67
C TYR B 104 14.32 -8.03 12.74
N TRP B 105 13.70 -7.33 11.81
CA TRP B 105 12.86 -7.95 10.80
C TRP B 105 13.53 -7.79 9.44
N GLY B 106 13.29 -8.73 8.53
CA GLY B 106 13.71 -8.54 7.16
C GLY B 106 12.85 -7.49 6.47
N GLN B 107 13.25 -6.94 5.33
CA GLN B 107 12.49 -5.86 4.71
C GLN B 107 11.16 -6.31 4.05
N GLY B 108 11.01 -7.61 3.82
CA GLY B 108 9.81 -8.22 3.27
C GLY B 108 9.84 -8.61 1.81
N THR B 109 9.53 -9.87 1.48
CA THR B 109 9.38 -10.26 0.08
C THR B 109 7.94 -10.64 -0.30
N GLN B 110 7.50 -10.22 -1.46
CA GLN B 110 6.14 -10.46 -1.89
C GLN B 110 6.03 -11.73 -2.70
N VAL B 111 5.09 -12.58 -2.33
CA VAL B 111 4.80 -13.78 -3.11
C VAL B 111 3.39 -13.60 -3.65
N SER B 112 3.26 -13.75 -4.96
CA SER B 112 1.96 -13.72 -5.63
C SER B 112 1.62 -15.11 -6.18
N VAL B 113 0.49 -15.63 -5.71
CA VAL B 113 0.03 -16.92 -6.17
C VAL B 113 -1.09 -16.70 -7.17
N SER B 114 -0.80 -16.89 -8.44
CA SER B 114 -1.75 -16.63 -9.51
C SER B 114 -1.46 -17.44 -10.73
N GLU B 115 -2.51 -17.85 -11.46
CA GLU B 115 -2.26 -18.51 -12.73
C GLU B 115 -1.96 -17.50 -13.86
N ALA B 116 -2.09 -16.21 -13.56
CA ALA B 116 -1.79 -15.13 -14.49
C ALA B 116 -0.35 -15.02 -15.00
N LYS B 117 -0.12 -14.20 -16.04
CA LYS B 117 1.18 -14.18 -16.69
C LYS B 117 1.81 -12.81 -16.91
N THR B 118 3.11 -12.76 -16.60
CA THR B 118 3.96 -11.59 -16.72
C THR B 118 3.84 -10.78 -18.00
N THR B 119 2.80 -9.95 -18.03
CA THR B 119 2.58 -9.00 -19.10
C THR B 119 3.15 -7.63 -18.74
N PRO B 120 3.80 -6.92 -19.67
CA PRO B 120 4.36 -5.59 -19.42
C PRO B 120 3.24 -4.53 -19.41
N PRO B 121 3.45 -3.34 -18.84
CA PRO B 121 2.44 -2.28 -18.79
C PRO B 121 2.32 -1.44 -20.03
N SER B 122 1.10 -1.06 -20.37
CA SER B 122 0.88 -0.07 -21.42
C SER B 122 0.84 1.27 -20.76
N VAL B 123 1.62 2.24 -21.20
CA VAL B 123 1.53 3.53 -20.55
C VAL B 123 1.10 4.63 -21.51
N TYR B 124 0.02 5.26 -21.13
CA TYR B 124 -0.61 6.31 -21.90
C TYR B 124 -0.57 7.64 -21.19
N PRO B 125 -0.33 8.75 -21.90
CA PRO B 125 -0.27 10.07 -21.33
C PRO B 125 -1.68 10.58 -21.03
N LEU B 126 -1.84 11.36 -19.96
CA LEU B 126 -3.09 12.06 -19.72
C LEU B 126 -2.87 13.57 -19.81
N ALA B 127 -3.60 14.21 -20.69
CA ALA B 127 -3.48 15.65 -20.91
C ALA B 127 -4.86 16.32 -20.95
N PRO B 128 -4.98 17.62 -20.63
CA PRO B 128 -6.24 18.35 -20.66
C PRO B 128 -7.20 18.31 -21.87
N GLY B 129 -8.46 17.89 -21.69
CA GLY B 129 -9.47 17.97 -22.75
C GLY B 129 -10.30 19.28 -22.78
N SER B 130 -9.63 20.46 -22.78
CA SER B 130 -10.17 21.86 -22.69
C SER B 130 -11.06 22.30 -21.50
N ALA B 131 -12.14 21.57 -21.22
CA ALA B 131 -13.07 21.73 -20.08
C ALA B 131 -13.65 23.08 -19.62
N ALA B 132 -12.88 23.98 -18.98
CA ALA B 132 -13.36 25.28 -18.40
C ALA B 132 -12.37 26.03 -17.47
N GLN B 133 -12.80 27.18 -16.91
CA GLN B 133 -12.00 27.87 -15.90
C GLN B 133 -11.87 27.02 -14.61
N THR B 134 -10.67 27.05 -14.07
CA THR B 134 -10.32 26.33 -12.86
C THR B 134 -9.26 27.12 -12.09
N ASN B 135 -8.02 27.21 -12.60
CA ASN B 135 -6.94 27.89 -11.87
C ASN B 135 -5.64 28.21 -12.66
N SER B 136 -4.62 28.61 -11.92
CA SER B 136 -3.23 28.85 -12.34
C SER B 136 -2.34 27.59 -12.31
N MET B 137 -2.91 26.40 -12.17
CA MET B 137 -2.13 25.19 -12.03
C MET B 137 -2.53 24.12 -13.05
N VAL B 138 -1.56 23.45 -13.68
CA VAL B 138 -1.88 22.36 -14.57
C VAL B 138 -1.74 21.02 -13.86
N THR B 139 -2.76 20.18 -13.95
CA THR B 139 -2.59 18.79 -13.56
C THR B 139 -2.54 17.93 -14.81
N LEU B 140 -1.50 17.10 -14.90
CA LEU B 140 -1.39 16.12 -15.99
C LEU B 140 -1.12 14.76 -15.40
N GLY B 141 -0.95 13.72 -16.22
CA GLY B 141 -0.67 12.41 -15.62
C GLY B 141 -0.36 11.22 -16.53
N CYS B 142 -0.28 10.06 -15.92
CA CYS B 142 -0.02 8.85 -16.67
C CYS B 142 -0.93 7.71 -16.25
N LEU B 143 -1.49 7.03 -17.25
CA LEU B 143 -2.29 5.85 -17.03
C LEU B 143 -1.39 4.67 -17.33
N VAL B 144 -0.92 4.00 -16.29
CA VAL B 144 -0.05 2.83 -16.42
C VAL B 144 -0.95 1.61 -16.31
N LYS B 145 -1.50 1.16 -17.42
CA LYS B 145 -2.41 0.06 -17.25
C LYS B 145 -2.06 -1.23 -17.92
N GLY B 146 -2.66 -2.33 -17.45
CA GLY B 146 -2.56 -3.63 -18.13
C GLY B 146 -1.38 -4.56 -17.83
N TYR B 147 -0.93 -4.65 -16.59
CA TYR B 147 0.28 -5.41 -16.34
C TYR B 147 0.18 -6.50 -15.31
N PHE B 148 1.14 -7.40 -15.35
CA PHE B 148 1.25 -8.38 -14.31
C PHE B 148 2.71 -8.74 -14.07
N PRO B 149 3.22 -8.73 -12.84
CA PRO B 149 2.49 -8.38 -11.61
C PRO B 149 2.91 -7.03 -10.98
N GLU B 150 2.36 -6.75 -9.80
CA GLU B 150 2.85 -5.66 -8.97
C GLU B 150 4.32 -5.93 -8.62
N PRO B 151 5.23 -4.97 -8.55
CA PRO B 151 5.00 -3.55 -8.79
C PRO B 151 5.41 -2.97 -10.14
N VAL B 152 4.91 -1.75 -10.40
CA VAL B 152 5.55 -0.87 -11.38
C VAL B 152 6.11 0.29 -10.58
N THR B 153 7.09 1.07 -11.08
CA THR B 153 7.56 2.26 -10.36
C THR B 153 7.45 3.53 -11.24
N VAL B 154 6.60 4.50 -10.81
CA VAL B 154 6.39 5.72 -11.60
C VAL B 154 7.21 6.89 -11.05
N THR B 155 8.01 7.57 -11.89
CA THR B 155 8.69 8.82 -11.48
C THR B 155 8.45 9.94 -12.48
N TRP B 156 8.49 11.21 -12.08
CA TRP B 156 8.30 12.29 -13.06
C TRP B 156 9.60 13.03 -13.33
N ASN B 157 9.85 13.36 -14.59
CA ASN B 157 11.13 13.93 -15.05
C ASN B 157 12.37 13.30 -14.39
N SER B 158 12.46 11.97 -14.45
CA SER B 158 13.56 11.20 -13.89
C SER B 158 13.86 11.46 -12.44
N GLY B 159 12.87 11.77 -11.63
CA GLY B 159 13.14 12.05 -10.21
C GLY B 159 13.39 13.53 -9.90
N SER B 160 13.57 14.37 -10.92
CA SER B 160 13.62 15.82 -10.72
C SER B 160 12.36 16.41 -10.10
N LEU B 161 11.22 15.90 -10.57
CA LEU B 161 9.89 16.35 -10.19
C LEU B 161 9.37 15.50 -9.06
N SER B 162 9.52 15.89 -7.81
CA SER B 162 8.99 15.06 -6.75
C SER B 162 7.84 15.69 -6.00
N SER B 163 7.69 17.01 -6.02
CA SER B 163 6.51 17.64 -5.41
C SER B 163 5.30 17.70 -6.32
N GLY B 164 4.08 17.57 -5.79
CA GLY B 164 2.88 17.61 -6.65
C GLY B 164 2.46 16.26 -7.22
N VAL B 165 3.34 15.25 -7.09
CA VAL B 165 3.12 13.88 -7.53
C VAL B 165 2.12 13.14 -6.63
N HIS B 166 1.25 12.33 -7.24
CA HIS B 166 0.28 11.44 -6.57
C HIS B 166 0.22 10.12 -7.30
N THR B 167 1.03 9.13 -6.96
CA THR B 167 0.89 7.85 -7.62
C THR B 167 -0.19 7.05 -6.93
N PHE B 168 -1.27 6.76 -7.60
CA PHE B 168 -2.42 6.07 -7.01
C PHE B 168 -2.27 4.57 -6.88
N PRO B 169 -2.71 3.96 -5.78
CA PRO B 169 -2.65 2.52 -5.51
C PRO B 169 -3.20 1.61 -6.61
N ALA B 170 -2.42 0.66 -7.11
CA ALA B 170 -2.91 -0.25 -8.14
C ALA B 170 -4.17 -1.07 -7.84
N VAL B 171 -4.98 -1.29 -8.87
CA VAL B 171 -6.16 -2.16 -8.78
C VAL B 171 -6.29 -3.16 -9.92
N LEU B 172 -6.82 -4.36 -9.63
CA LEU B 172 -6.87 -5.41 -10.63
C LEU B 172 -7.88 -5.17 -11.73
N GLN B 173 -7.42 -4.64 -12.86
CA GLN B 173 -8.27 -4.35 -14.02
C GLN B 173 -9.19 -5.50 -14.44
N SER B 174 -8.57 -6.62 -14.79
CA SER B 174 -9.23 -7.86 -15.26
C SER B 174 -8.19 -8.99 -15.17
N ASP B 175 -7.78 -9.21 -13.92
CA ASP B 175 -6.64 -10.04 -13.48
C ASP B 175 -5.23 -9.69 -14.04
N LEU B 176 -5.08 -8.38 -14.28
CA LEU B 176 -3.83 -7.65 -14.52
C LEU B 176 -4.07 -6.26 -13.92
N TYR B 177 -3.10 -5.52 -13.41
CA TYR B 177 -3.40 -4.24 -12.77
C TYR B 177 -3.44 -2.98 -13.64
N THR B 178 -4.12 -1.96 -13.12
CA THR B 178 -4.12 -0.62 -13.68
C THR B 178 -3.70 0.27 -12.54
N LEU B 179 -2.82 1.23 -12.80
CA LEU B 179 -2.38 2.21 -11.82
C LEU B 179 -2.13 3.56 -12.50
N SER B 180 -2.15 4.66 -11.77
CA SER B 180 -2.08 5.96 -12.41
C SER B 180 -1.39 6.98 -11.55
N SER B 181 -0.70 7.90 -12.19
CA SER B 181 -0.01 8.94 -11.43
C SER B 181 -0.29 10.31 -11.96
N SER B 182 -0.51 11.21 -11.01
CA SER B 182 -0.85 12.61 -11.24
C SER B 182 0.25 13.61 -10.88
N VAL B 183 0.66 14.55 -11.73
CA VAL B 183 1.56 15.60 -11.25
C VAL B 183 0.98 16.96 -11.56
N THR B 184 1.01 17.82 -10.57
CA THR B 184 0.43 19.14 -10.74
C THR B 184 1.45 20.24 -10.86
N VAL B 185 1.83 20.65 -12.06
CA VAL B 185 2.84 21.73 -12.27
C VAL B 185 2.22 23.13 -12.49
N PRO B 186 2.89 24.25 -12.24
CA PRO B 186 2.37 25.60 -12.50
C PRO B 186 2.05 25.76 -13.98
N SER B 187 0.99 26.49 -14.34
CA SER B 187 0.64 26.70 -15.75
C SER B 187 1.65 27.48 -16.55
N SER B 188 2.46 28.31 -15.89
CA SER B 188 3.57 28.97 -16.57
C SER B 188 4.60 27.98 -17.10
N PRO B 189 5.16 26.92 -16.44
CA PRO B 189 6.11 26.02 -17.09
C PRO B 189 5.45 24.97 -17.99
N ARG B 190 4.30 25.23 -18.61
CA ARG B 190 3.66 24.21 -19.44
C ARG B 190 2.99 24.62 -20.75
N PRO B 191 3.48 24.13 -21.91
CA PRO B 191 4.60 23.22 -22.04
C PRO B 191 6.04 23.73 -22.23
N SER B 192 6.44 24.94 -21.79
CA SER B 192 7.84 25.35 -21.92
C SER B 192 8.75 24.38 -21.18
N GLU B 193 8.43 24.14 -19.92
CA GLU B 193 9.15 23.07 -19.25
C GLU B 193 8.44 21.71 -19.31
N THR B 194 8.94 20.95 -20.27
CA THR B 194 8.65 19.51 -20.48
C THR B 194 8.37 18.69 -19.20
N VAL B 195 7.22 18.03 -19.09
CA VAL B 195 7.01 17.07 -18.00
C VAL B 195 6.94 15.66 -18.63
N THR B 196 7.51 14.64 -18.03
CA THR B 196 7.57 13.32 -18.63
C THR B 196 7.39 12.27 -17.56
N CYS B 197 6.70 11.16 -17.81
CA CYS B 197 6.63 10.15 -16.78
C CYS B 197 7.44 8.93 -17.14
N ASN B 198 8.32 8.52 -16.24
CA ASN B 198 9.15 7.34 -16.41
C ASN B 198 8.54 6.13 -15.68
N VAL B 199 8.07 5.13 -16.44
CA VAL B 199 7.52 3.90 -15.86
C VAL B 199 8.53 2.78 -15.93
N ALA B 200 8.52 1.90 -14.93
CA ALA B 200 9.40 0.73 -14.87
C ALA B 200 8.75 -0.49 -14.27
N HIS B 201 8.97 -1.62 -14.92
CA HIS B 201 8.37 -2.88 -14.53
C HIS B 201 9.41 -3.97 -14.41
N PRO B 202 9.86 -4.24 -13.18
CA PRO B 202 10.87 -5.24 -12.84
C PRO B 202 10.60 -6.62 -13.42
N ALA B 203 9.46 -7.23 -13.11
CA ALA B 203 9.13 -8.56 -13.63
C ALA B 203 9.28 -8.74 -15.13
N SER B 204 8.80 -7.78 -15.91
CA SER B 204 8.95 -7.87 -17.35
C SER B 204 10.16 -7.13 -17.87
N SER B 205 11.04 -6.64 -17.00
CA SER B 205 12.25 -5.86 -17.35
C SER B 205 12.05 -4.65 -18.30
N THR B 206 10.85 -4.06 -18.21
CA THR B 206 10.45 -2.94 -19.05
C THR B 206 10.69 -1.55 -18.43
N LYS B 207 11.28 -0.62 -19.18
CA LYS B 207 11.26 0.77 -18.79
C LYS B 207 10.68 1.54 -19.97
N VAL B 208 9.80 2.48 -19.70
CA VAL B 208 9.17 3.25 -20.76
C VAL B 208 9.13 4.68 -20.30
N ASP B 209 9.75 5.56 -21.06
CA ASP B 209 9.60 6.96 -20.74
C ASP B 209 8.43 7.52 -21.58
N LYS B 210 7.64 8.44 -21.04
CA LYS B 210 6.49 8.95 -21.78
C LYS B 210 6.25 10.44 -21.59
N LYS B 211 6.66 11.22 -22.58
CA LYS B 211 6.49 12.67 -22.56
C LYS B 211 5.04 13.14 -22.66
N ILE B 212 4.57 13.97 -21.74
CA ILE B 212 3.21 14.48 -21.84
C ILE B 212 3.19 15.75 -22.70
N VAL B 213 2.55 15.72 -23.84
CA VAL B 213 2.52 16.91 -24.70
C VAL B 213 1.10 17.47 -24.77
N PRO B 214 0.84 18.78 -24.98
CA PRO B 214 -0.52 19.31 -25.12
C PRO B 214 -1.23 18.51 -26.20
N ARG B 215 -2.53 18.34 -26.08
CA ARG B 215 -3.18 17.35 -26.90
C ARG B 215 -3.85 17.88 -28.15
N ASP B 216 -3.76 17.10 -29.23
CA ASP B 216 -4.59 17.28 -30.45
C ASP B 216 -4.45 18.60 -31.22
N CYS B 217 -4.89 19.72 -30.68
CA CYS B 217 -4.64 21.00 -31.31
C CYS B 217 -3.69 21.81 -30.45
N1 NPP C . 12.52 -12.71 28.01
O1 NPP C . 13.41 -13.01 28.82
C2 NPP C . 12.90 -11.99 26.71
CM1 NPP C . 13.45 -10.59 27.03
CM2 NPP C . 14.00 -12.77 26.00
C3 NPP C . 11.74 -11.90 25.75
C4 NPP C . 10.83 -13.08 25.91
C5 NPP C . 10.13 -12.89 27.21
C6 NPP C . 11.07 -13.09 28.36
CM3 NPP C . 10.96 -14.58 28.66
CM4 NPP C . 10.63 -12.28 29.57
N2 NPP C . 9.85 -13.14 24.78
C7 NPP C . 9.43 -14.44 24.20
C8 NPP C . 8.55 -14.46 23.15
N3 NPP C . 8.02 -13.25 22.45
O2 NPP C . 7.16 -13.37 21.58
O3 NPP C . 8.39 -12.14 22.80
C9 NPP C . 8.15 -15.63 22.62
C10 NPP C . 8.61 -16.79 23.11
N4 NPP C . 8.13 -17.98 22.35
O4 NPP C . 7.34 -17.81 21.41
O5 NPP C . 8.51 -19.10 22.64
C11 NPP C . 9.49 -16.80 24.17
C12 NPP C . 9.91 -15.62 24.71
N5 NPP C . 9.97 -18.08 24.77
C13 NPP C . 10.74 -18.12 26.07
C14 NPP C . 11.13 -19.58 26.42
N6 NPP C . 10.43 -20.12 27.58
#